data_5EO1
#
_entry.id   5EO1
#
_cell.length_a   50.662
_cell.length_b   81.857
_cell.length_c   110.366
_cell.angle_alpha   90.000
_cell.angle_beta   90.000
_cell.angle_gamma   90.000
#
_symmetry.space_group_name_H-M   'P 21 21 21'
#
loop_
_entity.id
_entity.type
_entity.pdbx_description
1 polymer 'HLA class I histocompatibility antigen, B-7 alpha chain'
2 polymer Beta-2-microglobulin
3 polymer 'RL9 peptide'
4 water water
#
loop_
_entity_poly.entity_id
_entity_poly.type
_entity_poly.pdbx_seq_one_letter_code
_entity_poly.pdbx_strand_id
1 'polypeptide(L)'
;GSHSMRYFYTSVSRPGRGEPRFISVGYVDDTQFVRFDSDAASPREEPRAPWIEQEGPEYWDRNTQIYKAQAQTDRESLRN
LRGYYNQSEAGSHTLQSMYGCDVGPDGRLLRGHDQYAYDGKDYIALNEDLRSWTAADTAAQITQRKWEAAREAEQRRAYL
EGECVEWLRRYLENGKDKLERADPPKTHVTHHPISDHEATLRCWALGFYPAEITLTWQRDGEDQTQDTELVETRPAGDRT
FQKWAAVVVPSGEEQRYTCHVQHEGLPKPLTLRWE
;
A
2 'polypeptide(L)'
;MIQRTPKIQVYSRHPAENGKSNFLNCYVSGFHPSDIEVDLLKNGERIEKVEHSDLSFSKDWSFYLLYYTEFTPTEKDEYA
CRVNHVTLSQPKIVKWDRDM
;
B
3 'polypeptide(L)' RPMTYKGAL C
#
# COMPACT_ATOMS: atom_id res chain seq x y z
N GLY A 1 16.11 -8.88 -8.19
CA GLY A 1 17.40 -8.21 -8.26
C GLY A 1 17.28 -6.71 -8.10
N SER A 2 16.20 -6.15 -8.62
CA SER A 2 15.97 -4.71 -8.53
CA SER A 2 15.97 -4.71 -8.53
C SER A 2 15.33 -4.35 -7.19
N HIS A 3 15.68 -3.18 -6.67
CA HIS A 3 15.14 -2.71 -5.39
C HIS A 3 14.71 -1.25 -5.47
N SER A 4 13.89 -0.83 -4.52
CA SER A 4 13.40 0.54 -4.49
C SER A 4 13.20 1.04 -3.07
N MET A 5 13.40 2.34 -2.88
CA MET A 5 13.07 2.99 -1.62
C MET A 5 12.03 4.07 -1.88
N ARG A 6 11.00 4.11 -1.03
CA ARG A 6 9.92 5.07 -1.20
C ARG A 6 9.51 5.71 0.12
N TYR A 7 9.27 7.03 0.07
CA TYR A 7 8.67 7.73 1.19
C TYR A 7 7.30 8.27 0.76
N PHE A 8 6.29 8.00 1.58
CA PHE A 8 4.93 8.43 1.26
C PHE A 8 4.43 9.46 2.26
N TYR A 9 4.26 10.70 1.80
CA TYR A 9 3.78 11.78 2.65
C TYR A 9 2.29 11.99 2.46
N THR A 10 1.57 12.22 3.55
CA THR A 10 0.14 12.53 3.49
C THR A 10 -0.21 13.64 4.45
N SER A 11 -0.64 14.78 3.90
CA SER A 11 -1.11 15.90 4.72
C SER A 11 -2.60 16.14 4.48
N VAL A 12 -3.38 16.15 5.56
CA VAL A 12 -4.81 16.32 5.46
C VAL A 12 -5.29 17.49 6.32
N SER A 13 -5.88 18.49 5.68
CA SER A 13 -6.43 19.64 6.42
C SER A 13 -7.75 19.25 7.07
N ARG A 14 -8.07 19.91 8.17
CA ARG A 14 -9.27 19.60 8.94
C ARG A 14 -9.82 20.85 9.63
N PRO A 15 -10.46 21.74 8.84
CA PRO A 15 -10.98 23.02 9.34
C PRO A 15 -11.92 22.85 10.53
N GLY A 16 -11.62 23.56 11.62
CA GLY A 16 -12.42 23.48 12.82
C GLY A 16 -11.97 22.37 13.75
N ARG A 17 -11.04 21.55 13.28
CA ARG A 17 -10.54 20.45 14.08
C ARG A 17 -9.01 20.45 14.16
N GLY A 18 -8.44 21.65 14.25
CA GLY A 18 -7.00 21.80 14.40
C GLY A 18 -6.25 21.99 13.10
N GLU A 19 -4.93 22.04 13.20
CA GLU A 19 -4.05 22.19 12.04
C GLU A 19 -3.91 20.87 11.29
N PRO A 20 -3.53 20.92 10.01
CA PRO A 20 -3.40 19.71 9.18
C PRO A 20 -2.52 18.63 9.79
N ARG A 21 -2.94 17.38 9.64
CA ARG A 21 -2.17 16.24 10.14
C ARG A 21 -1.16 15.78 9.10
N PHE A 22 0.08 15.58 9.53
CA PHE A 22 1.12 15.08 8.64
C PHE A 22 1.57 13.69 9.05
N ILE A 23 1.56 12.76 8.09
CA ILE A 23 2.04 11.41 8.34
CA ILE A 23 2.04 11.41 8.35
C ILE A 23 2.95 10.93 7.21
N SER A 24 4.04 10.27 7.59
CA SER A 24 4.98 9.75 6.61
CA SER A 24 4.98 9.75 6.61
C SER A 24 5.32 8.30 6.89
N VAL A 25 5.47 7.52 5.82
CA VAL A 25 5.89 6.13 5.94
C VAL A 25 7.00 5.86 4.93
N GLY A 26 8.00 5.08 5.34
CA GLY A 26 9.11 4.77 4.47
C GLY A 26 9.14 3.29 4.10
N TYR A 27 9.36 3.01 2.83
CA TYR A 27 9.36 1.64 2.34
C TYR A 27 10.65 1.28 1.61
N VAL A 28 11.13 0.07 1.85
CA VAL A 28 12.11 -0.56 0.98
C VAL A 28 11.40 -1.74 0.31
N ASP A 29 11.18 -1.62 -1.00
CA ASP A 29 10.34 -2.56 -1.74
C ASP A 29 8.94 -2.60 -1.11
N ASP A 30 8.52 -3.78 -0.66
CA ASP A 30 7.21 -3.93 -0.04
C ASP A 30 7.31 -4.01 1.49
N THR A 31 8.41 -3.50 2.03
CA THR A 31 8.64 -3.54 3.47
C THR A 31 8.73 -2.13 4.07
N GLN A 32 7.79 -1.79 4.93
CA GLN A 32 7.83 -0.51 5.64
C GLN A 32 8.84 -0.60 6.78
N PHE A 33 9.66 0.43 6.95
CA PHE A 33 10.69 0.39 7.97
C PHE A 33 10.69 1.61 8.90
N VAL A 34 10.03 2.69 8.49
CA VAL A 34 9.90 3.86 9.35
C VAL A 34 8.51 4.50 9.26
N ARG A 35 8.16 5.28 10.28
CA ARG A 35 6.90 6.03 10.27
C ARG A 35 7.03 7.32 11.07
N PHE A 36 6.13 8.26 10.81
CA PHE A 36 6.05 9.50 11.56
C PHE A 36 4.62 10.01 11.56
N ASP A 37 4.15 10.45 12.72
CA ASP A 37 2.78 10.94 12.85
C ASP A 37 2.75 12.21 13.70
N SER A 38 2.27 13.30 13.12
CA SER A 38 2.21 14.57 13.84
C SER A 38 1.13 14.56 14.91
N ASP A 39 0.23 13.57 14.84
CA ASP A 39 -0.84 13.44 15.81
C ASP A 39 -0.46 12.51 16.96
N ALA A 40 0.76 11.97 16.92
CA ALA A 40 1.25 11.13 18.00
C ALA A 40 1.50 11.97 19.25
N ALA A 41 1.51 11.32 20.40
CA ALA A 41 1.74 12.01 21.68
C ALA A 41 3.06 12.75 21.67
N SER A 42 4.11 12.08 21.22
CA SER A 42 5.41 12.71 21.03
C SER A 42 5.95 12.38 19.64
N PRO A 43 5.63 13.24 18.65
CA PRO A 43 6.00 13.06 17.23
C PRO A 43 7.48 12.76 17.04
N ARG A 44 7.77 11.58 16.50
CA ARG A 44 9.14 11.14 16.28
CA ARG A 44 9.14 11.15 16.27
C ARG A 44 9.17 10.01 15.26
N GLU A 45 10.25 9.93 14.49
CA GLU A 45 10.40 8.82 13.56
C GLU A 45 10.56 7.53 14.34
N GLU A 46 9.74 6.54 14.03
CA GLU A 46 9.77 5.28 14.76
C GLU A 46 10.10 4.12 13.82
N PRO A 47 10.90 3.15 14.31
CA PRO A 47 11.27 1.97 13.53
C PRO A 47 10.09 1.03 13.31
N ARG A 48 9.98 0.47 12.12
CA ARG A 48 8.93 -0.48 11.80
C ARG A 48 9.53 -1.77 11.25
N ALA A 49 10.85 -1.83 11.23
CA ALA A 49 11.58 -3.02 10.78
C ALA A 49 12.78 -3.26 11.69
N PRO A 50 13.11 -4.55 11.92
CA PRO A 50 14.21 -4.91 12.83
C PRO A 50 15.57 -4.39 12.38
N TRP A 51 15.79 -4.30 11.08
CA TRP A 51 17.10 -3.95 10.54
C TRP A 51 17.40 -2.46 10.52
N ILE A 52 16.44 -1.65 10.96
CA ILE A 52 16.63 -0.21 11.01
C ILE A 52 16.87 0.27 12.44
N GLU A 53 16.63 -0.63 13.40
CA GLU A 53 16.77 -0.30 14.81
C GLU A 53 18.22 -0.07 15.22
N GLN A 54 19.15 -0.61 14.42
CA GLN A 54 20.56 -0.49 14.71
C GLN A 54 21.10 0.92 14.47
N GLU A 55 20.30 1.73 13.77
CA GLU A 55 20.67 3.13 13.55
C GLU A 55 20.68 3.89 14.86
N GLY A 56 21.69 4.73 15.05
CA GLY A 56 21.86 5.46 16.29
C GLY A 56 20.76 6.47 16.55
N PRO A 57 20.78 7.08 17.75
CA PRO A 57 19.80 8.10 18.13
C PRO A 57 19.90 9.36 17.28
N GLU A 58 21.08 9.62 16.74
CA GLU A 58 21.30 10.77 15.87
C GLU A 58 20.56 10.60 14.56
N TYR A 59 20.31 9.35 14.18
CA TYR A 59 19.56 9.03 12.97
C TYR A 59 18.09 9.39 13.14
N TRP A 60 17.52 9.00 14.27
CA TRP A 60 16.11 9.23 14.53
C TRP A 60 15.82 10.70 14.84
N ASP A 61 16.77 11.36 15.48
CA ASP A 61 16.60 12.77 15.83
C ASP A 61 16.67 13.66 14.59
N ARG A 62 17.58 13.34 13.68
CA ARG A 62 17.75 14.11 12.45
CA ARG A 62 17.76 14.10 12.45
C ARG A 62 16.52 14.01 11.55
N ASN A 63 16.03 12.80 11.36
CA ASN A 63 14.87 12.57 10.51
C ASN A 63 13.60 13.17 11.10
N THR A 64 13.50 13.17 12.43
CA THR A 64 12.35 13.75 13.11
C THR A 64 12.22 15.24 12.80
N GLN A 65 13.35 15.94 12.80
CA GLN A 65 13.35 17.37 12.50
C GLN A 65 13.02 17.61 11.03
N ILE A 66 13.41 16.67 10.16
CA ILE A 66 13.09 16.75 8.74
C ILE A 66 11.58 16.62 8.53
N TYR A 67 10.98 15.65 9.21
CA TYR A 67 9.53 15.44 9.12
C TYR A 67 8.76 16.63 9.68
N LYS A 68 9.22 17.18 10.79
CA LYS A 68 8.58 18.34 11.40
C LYS A 68 8.66 19.55 10.48
N ALA A 69 9.81 19.71 9.83
CA ALA A 69 10.01 20.81 8.88
C ALA A 69 9.14 20.63 7.64
N GLN A 70 9.05 19.38 7.18
CA GLN A 70 8.24 19.06 6.01
C GLN A 70 6.75 19.27 6.31
N ALA A 71 6.36 18.92 7.53
CA ALA A 71 4.98 19.10 7.97
C ALA A 71 4.57 20.57 7.89
N GLN A 72 5.47 21.44 8.31
CA GLN A 72 5.23 22.88 8.27
CA GLN A 72 5.24 22.87 8.27
C GLN A 72 5.17 23.37 6.84
N THR A 73 6.04 22.82 5.99
CA THR A 73 6.07 23.18 4.58
C THR A 73 4.79 22.75 3.88
N ASP A 74 4.29 21.57 4.24
CA ASP A 74 3.05 21.05 3.67
C ASP A 74 1.85 21.94 4.01
N ARG A 75 1.86 22.51 5.21
CA ARG A 75 0.79 23.41 5.62
C ARG A 75 0.82 24.69 4.80
N GLU A 76 2.02 25.16 4.48
CA GLU A 76 2.19 26.30 3.59
C GLU A 76 1.69 25.97 2.19
N SER A 77 1.99 24.76 1.74
CA SER A 77 1.55 24.30 0.43
C SER A 77 0.03 24.19 0.37
N LEU A 78 -0.57 23.62 1.41
CA LEU A 78 -2.02 23.47 1.49
C LEU A 78 -2.74 24.81 1.38
N ARG A 79 -2.19 25.82 2.04
CA ARG A 79 -2.75 27.17 1.98
C ARG A 79 -2.64 27.73 0.57
N ASN A 80 -1.49 27.51 -0.06
CA ASN A 80 -1.27 27.96 -1.43
C ASN A 80 -2.20 27.27 -2.41
N LEU A 81 -2.39 25.97 -2.22
CA LEU A 81 -3.22 25.16 -3.11
C LEU A 81 -4.68 25.61 -3.11
N ARG A 82 -5.18 26.01 -1.95
CA ARG A 82 -6.55 26.52 -1.85
C ARG A 82 -6.72 27.77 -2.70
N GLY A 83 -5.69 28.62 -2.67
CA GLY A 83 -5.70 29.84 -3.46
C GLY A 83 -5.59 29.57 -4.95
N TYR A 84 -4.85 28.51 -5.29
CA TYR A 84 -4.66 28.13 -6.70
C TYR A 84 -5.98 27.67 -7.32
N TYR A 85 -6.82 27.03 -6.52
CA TYR A 85 -8.08 26.49 -7.03
C TYR A 85 -9.29 27.30 -6.55
N ASN A 86 -9.01 28.45 -5.95
CA ASN A 86 -10.06 29.37 -5.50
C ASN A 86 -11.03 28.71 -4.53
N GLN A 87 -10.48 27.91 -3.62
CA GLN A 87 -11.30 27.18 -2.66
C GLN A 87 -11.40 27.93 -1.34
N SER A 88 -12.49 27.70 -0.62
CA SER A 88 -12.72 28.35 0.67
C SER A 88 -11.89 27.72 1.77
N GLU A 89 -12.05 28.23 2.98
CA GLU A 89 -11.32 27.73 4.14
C GLU A 89 -12.14 26.72 4.94
N ALA A 90 -13.31 26.38 4.42
CA ALA A 90 -14.22 25.51 5.15
C ALA A 90 -14.07 24.04 4.75
N GLY A 91 -13.53 23.80 3.56
CA GLY A 91 -13.38 22.45 3.06
C GLY A 91 -12.07 21.79 3.46
N SER A 92 -12.11 20.47 3.63
CA SER A 92 -10.91 19.70 3.95
C SER A 92 -10.25 19.23 2.66
N HIS A 93 -8.92 19.21 2.66
CA HIS A 93 -8.17 18.83 1.46
C HIS A 93 -6.99 17.92 1.79
N THR A 94 -6.47 17.23 0.78
CA THR A 94 -5.40 16.28 0.97
C THR A 94 -4.22 16.53 0.02
N LEU A 95 -3.03 16.61 0.59
CA LEU A 95 -1.80 16.72 -0.20
C LEU A 95 -0.96 15.46 -0.03
N GLN A 96 -0.75 14.73 -1.12
CA GLN A 96 0.04 13.51 -1.07
C GLN A 96 1.35 13.68 -1.83
N SER A 97 2.39 13.03 -1.31
CA SER A 97 3.70 13.09 -1.94
CA SER A 97 3.71 13.10 -1.92
C SER A 97 4.41 11.75 -1.84
N MET A 98 4.98 11.31 -2.96
CA MET A 98 5.78 10.09 -2.97
CA MET A 98 5.79 10.10 -2.95
C MET A 98 7.03 10.28 -3.82
N TYR A 99 8.17 9.94 -3.26
CA TYR A 99 9.45 10.08 -3.96
C TYR A 99 10.38 8.95 -3.58
N GLY A 100 11.44 8.76 -4.35
CA GLY A 100 12.39 7.72 -4.07
C GLY A 100 13.17 7.29 -5.30
N CYS A 101 13.96 6.23 -5.15
CA CYS A 101 14.85 5.78 -6.21
C CYS A 101 14.72 4.28 -6.47
N ASP A 102 14.99 3.87 -7.70
CA ASP A 102 15.03 2.47 -8.06
C ASP A 102 16.44 2.08 -8.47
N VAL A 103 16.93 0.98 -7.92
CA VAL A 103 18.29 0.51 -8.23
C VAL A 103 18.27 -0.91 -8.80
N GLY A 104 19.33 -1.26 -9.51
CA GLY A 104 19.47 -2.58 -10.08
C GLY A 104 20.22 -3.51 -9.16
N PRO A 105 20.58 -4.70 -9.65
CA PRO A 105 21.34 -5.70 -8.89
C PRO A 105 22.71 -5.20 -8.46
N ASP A 106 23.27 -4.27 -9.22
CA ASP A 106 24.59 -3.72 -8.92
C ASP A 106 24.49 -2.50 -8.01
N GLY A 107 23.27 -2.03 -7.77
CA GLY A 107 23.05 -0.89 -6.91
C GLY A 107 23.07 0.45 -7.65
N ARG A 108 23.12 0.39 -8.98
CA ARG A 108 23.12 1.60 -9.79
CA ARG A 108 23.13 1.58 -9.80
C ARG A 108 21.71 2.13 -9.97
N LEU A 109 21.58 3.45 -9.99
CA LEU A 109 20.29 4.10 -10.16
C LEU A 109 19.65 3.77 -11.50
N LEU A 110 18.40 3.31 -11.46
CA LEU A 110 17.66 2.99 -12.66
C LEU A 110 16.63 4.07 -12.97
N ARG A 111 16.01 4.60 -11.92
CA ARG A 111 14.92 5.57 -12.07
C ARG A 111 14.70 6.34 -10.78
N GLY A 112 14.42 7.64 -10.91
CA GLY A 112 14.09 8.47 -9.77
C GLY A 112 12.66 8.97 -9.85
N HIS A 113 12.03 9.15 -8.69
CA HIS A 113 10.64 9.63 -8.62
C HIS A 113 10.50 10.77 -7.64
N ASP A 114 9.59 11.70 -7.96
CA ASP A 114 9.27 12.82 -7.07
C ASP A 114 8.00 13.50 -7.58
N GLN A 115 6.84 13.08 -7.07
CA GLN A 115 5.57 13.57 -7.58
C GLN A 115 4.58 13.92 -6.47
N TYR A 116 3.56 14.68 -6.83
CA TYR A 116 2.58 15.17 -5.88
C TYR A 116 1.15 14.97 -6.37
N ALA A 117 0.21 14.92 -5.43
CA ALA A 117 -1.21 14.85 -5.77
C ALA A 117 -2.03 15.71 -4.83
N TYR A 118 -3.07 16.33 -5.36
CA TYR A 118 -3.96 17.16 -4.56
C TYR A 118 -5.39 16.65 -4.67
N ASP A 119 -5.96 16.27 -3.52
CA ASP A 119 -7.31 15.71 -3.45
C ASP A 119 -7.49 14.49 -4.36
N GLY A 120 -6.46 13.64 -4.42
CA GLY A 120 -6.55 12.39 -5.14
C GLY A 120 -6.19 12.46 -6.62
N LYS A 121 -5.92 13.67 -7.11
CA LYS A 121 -5.57 13.86 -8.50
C LYS A 121 -4.12 14.28 -8.66
N ASP A 122 -3.45 13.77 -9.68
CA ASP A 122 -2.05 14.14 -9.95
C ASP A 122 -1.92 15.65 -10.11
N TYR A 123 -0.88 16.21 -9.50
CA TYR A 123 -0.68 17.65 -9.51
C TYR A 123 0.57 18.03 -10.28
N ILE A 124 1.73 17.63 -9.75
CA ILE A 124 2.99 17.91 -10.42
C ILE A 124 3.96 16.75 -10.19
N ALA A 125 4.83 16.50 -11.17
CA ALA A 125 5.76 15.38 -11.09
C ALA A 125 7.10 15.72 -11.72
N LEU A 126 8.17 15.32 -11.05
CA LEU A 126 9.51 15.45 -11.61
C LEU A 126 9.67 14.44 -12.75
N ASN A 127 10.06 14.93 -13.92
CA ASN A 127 10.24 14.05 -15.08
C ASN A 127 11.39 13.07 -14.88
N GLU A 128 11.48 12.09 -15.76
CA GLU A 128 12.47 11.03 -15.64
C GLU A 128 13.90 11.58 -15.73
N ASP A 129 14.07 12.71 -16.43
CA ASP A 129 15.38 13.33 -16.56
C ASP A 129 15.85 13.97 -15.26
N LEU A 130 14.94 14.08 -14.30
CA LEU A 130 15.21 14.70 -13.00
C LEU A 130 15.67 16.15 -13.13
N ARG A 131 15.20 16.83 -14.18
CA ARG A 131 15.60 18.21 -14.43
C ARG A 131 14.40 19.10 -14.76
N SER A 132 13.31 18.47 -15.20
CA SER A 132 12.12 19.22 -15.60
C SER A 132 10.86 18.71 -14.89
N TRP A 133 9.80 19.51 -14.93
CA TRP A 133 8.55 19.17 -14.27
C TRP A 133 7.42 18.98 -15.26
N THR A 134 6.39 18.24 -14.84
CA THR A 134 5.17 18.10 -15.62
C THR A 134 3.97 18.52 -14.77
N ALA A 135 3.32 19.60 -15.18
CA ALA A 135 2.17 20.14 -14.46
C ALA A 135 0.86 19.61 -15.04
N ALA A 136 -0.07 19.24 -14.17
CA ALA A 136 -1.33 18.66 -14.60
C ALA A 136 -2.35 19.71 -15.01
N ASP A 137 -2.27 20.90 -14.42
CA ASP A 137 -3.19 21.98 -14.72
C ASP A 137 -2.54 23.35 -14.54
N THR A 138 -3.32 24.41 -14.75
CA THR A 138 -2.81 25.77 -14.65
C THR A 138 -2.40 26.13 -13.23
N ALA A 139 -2.98 25.45 -12.25
CA ALA A 139 -2.59 25.63 -10.86
C ALA A 139 -1.18 25.10 -10.63
N ALA A 140 -0.92 23.90 -11.15
CA ALA A 140 0.37 23.27 -11.00
C ALA A 140 1.44 23.98 -11.81
N GLN A 141 1.02 24.73 -12.82
CA GLN A 141 1.96 25.53 -13.61
C GLN A 141 2.55 26.65 -12.77
N ILE A 142 1.79 27.11 -11.78
CA ILE A 142 2.28 28.13 -10.86
C ILE A 142 3.42 27.56 -10.01
N THR A 143 3.20 26.36 -9.48
CA THR A 143 4.22 25.66 -8.72
C THR A 143 5.45 25.40 -9.59
N GLN A 144 5.21 25.00 -10.83
CA GLN A 144 6.29 24.73 -11.77
C GLN A 144 7.17 25.96 -11.98
N ARG A 145 6.53 27.11 -12.20
CA ARG A 145 7.25 28.36 -12.40
C ARG A 145 8.09 28.74 -11.18
N LYS A 146 7.52 28.54 -10.00
CA LYS A 146 8.23 28.87 -8.76
CA LYS A 146 8.23 28.87 -8.75
C LYS A 146 9.44 27.97 -8.55
N TRP A 147 9.27 26.69 -8.86
CA TRP A 147 10.35 25.71 -8.69
C TRP A 147 11.41 25.84 -9.77
N GLU A 148 11.01 26.25 -10.97
CA GLU A 148 11.95 26.50 -12.05
C GLU A 148 12.82 27.71 -11.74
N ALA A 149 12.22 28.72 -11.12
CA ALA A 149 12.94 29.93 -10.76
C ALA A 149 13.93 29.67 -9.63
N ALA A 150 13.58 28.74 -8.75
CA ALA A 150 14.42 28.45 -7.59
C ALA A 150 15.36 27.27 -7.86
N ARG A 151 15.28 26.72 -9.07
CA ARG A 151 16.07 25.54 -9.46
C ARG A 151 15.87 24.41 -8.45
N GLU A 152 14.62 24.17 -8.09
CA GLU A 152 14.26 23.15 -7.10
C GLU A 152 14.65 21.75 -7.55
N ALA A 153 14.55 21.49 -8.85
CA ALA A 153 14.78 20.16 -9.40
C ALA A 153 16.23 19.69 -9.20
N GLU A 154 17.16 20.63 -9.15
CA GLU A 154 18.57 20.29 -8.97
C GLU A 154 18.82 19.68 -7.59
N GLN A 155 18.10 20.16 -6.60
CA GLN A 155 18.22 19.63 -5.24
C GLN A 155 17.57 18.26 -5.15
N ARG A 156 16.45 18.08 -5.85
CA ARG A 156 15.76 16.80 -5.90
C ARG A 156 16.66 15.74 -6.54
N ARG A 157 17.25 16.10 -7.67
CA ARG A 157 18.13 15.20 -8.41
C ARG A 157 19.34 14.77 -7.59
N ALA A 158 19.93 15.72 -6.87
CA ALA A 158 21.12 15.45 -6.06
C ALA A 158 20.84 14.39 -4.99
N TYR A 159 19.65 14.47 -4.39
CA TYR A 159 19.24 13.48 -3.40
C TYR A 159 18.96 12.13 -4.03
N LEU A 160 18.20 12.13 -5.12
CA LEU A 160 17.78 10.91 -5.78
C LEU A 160 18.95 10.11 -6.35
N GLU A 161 19.96 10.82 -6.86
CA GLU A 161 21.11 10.17 -7.47
C GLU A 161 22.22 9.85 -6.46
N GLY A 162 22.14 10.47 -5.28
CA GLY A 162 23.19 10.32 -4.29
C GLY A 162 22.72 9.74 -2.98
N GLU A 163 22.14 10.59 -2.14
CA GLU A 163 21.71 10.19 -0.80
C GLU A 163 20.70 9.05 -0.82
N CYS A 164 19.79 9.09 -1.78
CA CYS A 164 18.73 8.08 -1.87
C CYS A 164 19.28 6.69 -2.18
N VAL A 165 20.15 6.60 -3.18
CA VAL A 165 20.72 5.32 -3.61
CA VAL A 165 20.68 5.30 -3.58
C VAL A 165 21.69 4.76 -2.56
N GLU A 166 22.46 5.65 -1.94
CA GLU A 166 23.47 5.22 -0.97
C GLU A 166 22.85 4.64 0.29
N TRP A 167 21.80 5.28 0.79
CA TRP A 167 21.12 4.78 1.99
C TRP A 167 20.30 3.54 1.68
N LEU A 168 19.78 3.46 0.46
CA LEU A 168 19.05 2.27 0.03
C LEU A 168 19.97 1.05 0.01
N ARG A 169 21.18 1.24 -0.49
CA ARG A 169 22.17 0.16 -0.52
C ARG A 169 22.56 -0.26 0.89
N ARG A 170 22.60 0.69 1.80
CA ARG A 170 22.91 0.42 3.21
C ARG A 170 21.79 -0.39 3.86
N TYR A 171 20.55 -0.01 3.56
CA TYR A 171 19.38 -0.70 4.10
C TYR A 171 19.31 -2.12 3.59
N LEU A 172 19.61 -2.31 2.31
CA LEU A 172 19.58 -3.62 1.68
C LEU A 172 20.61 -4.56 2.30
N GLU A 173 21.74 -4.01 2.71
CA GLU A 173 22.80 -4.80 3.33
C GLU A 173 22.45 -5.18 4.77
N ASN A 174 21.93 -4.22 5.53
CA ASN A 174 21.59 -4.45 6.93
C ASN A 174 20.43 -5.42 7.12
N GLY A 175 19.55 -5.50 6.12
CA GLY A 175 18.41 -6.40 6.19
C GLY A 175 18.37 -7.37 5.02
N LYS A 176 19.54 -7.83 4.59
CA LYS A 176 19.65 -8.69 3.41
C LYS A 176 18.99 -10.06 3.63
N ASP A 177 18.89 -10.49 4.88
CA ASP A 177 18.28 -11.77 5.20
CA ASP A 177 18.28 -11.77 5.20
C ASP A 177 16.78 -11.76 4.87
N LYS A 178 16.22 -10.56 4.80
CA LYS A 178 14.79 -10.41 4.52
C LYS A 178 14.55 -9.66 3.20
N LEU A 179 15.21 -8.52 3.04
CA LEU A 179 15.00 -7.66 1.88
C LEU A 179 15.48 -8.31 0.58
N GLU A 180 16.51 -9.15 0.69
CA GLU A 180 17.06 -9.80 -0.50
CA GLU A 180 17.08 -9.82 -0.47
C GLU A 180 16.61 -11.26 -0.57
N ARG A 181 15.55 -11.59 0.16
CA ARG A 181 14.98 -12.93 0.14
C ARG A 181 13.58 -12.93 -0.47
N ALA A 182 13.39 -13.72 -1.52
CA ALA A 182 12.09 -13.84 -2.16
C ALA A 182 11.40 -15.13 -1.75
N ASP A 183 10.25 -15.01 -1.09
CA ASP A 183 9.49 -16.17 -0.64
C ASP A 183 8.48 -16.59 -1.70
N PRO A 184 8.60 -17.83 -2.20
CA PRO A 184 7.68 -18.34 -3.23
C PRO A 184 6.28 -18.57 -2.67
N PRO A 185 5.26 -18.43 -3.52
CA PRO A 185 3.87 -18.62 -3.09
C PRO A 185 3.53 -20.08 -2.82
N LYS A 186 2.81 -20.33 -1.73
CA LYS A 186 2.26 -21.64 -1.45
C LYS A 186 0.92 -21.78 -2.16
N THR A 187 0.83 -22.70 -3.11
CA THR A 187 -0.33 -22.74 -4.00
C THR A 187 -1.17 -24.01 -3.87
N HIS A 188 -2.48 -23.84 -4.05
CA HIS A 188 -3.41 -24.96 -4.11
C HIS A 188 -4.69 -24.53 -4.81
N VAL A 189 -5.45 -25.49 -5.32
CA VAL A 189 -6.69 -25.20 -6.03
C VAL A 189 -7.89 -25.81 -5.32
N THR A 190 -8.91 -24.99 -5.09
CA THR A 190 -10.13 -25.46 -4.42
C THR A 190 -11.27 -25.60 -5.42
N HIS A 191 -12.25 -26.43 -5.06
CA HIS A 191 -13.39 -26.71 -5.92
C HIS A 191 -14.70 -26.65 -5.15
N HIS A 192 -15.62 -25.79 -5.59
CA HIS A 192 -16.90 -25.64 -4.93
C HIS A 192 -18.04 -25.53 -5.94
N PRO A 193 -18.94 -26.53 -5.94
CA PRO A 193 -20.13 -26.50 -6.81
C PRO A 193 -21.10 -25.39 -6.42
N ILE A 194 -21.50 -24.58 -7.40
CA ILE A 194 -22.51 -23.55 -7.16
C ILE A 194 -23.88 -24.08 -7.58
N SER A 195 -23.86 -25.12 -8.39
CA SER A 195 -25.06 -25.82 -8.81
C SER A 195 -24.70 -27.23 -9.23
N ASP A 196 -25.58 -27.91 -9.96
CA ASP A 196 -25.32 -29.26 -10.42
CA ASP A 196 -25.32 -29.26 -10.42
C ASP A 196 -24.79 -29.27 -11.86
N HIS A 197 -24.52 -28.09 -12.39
CA HIS A 197 -23.99 -27.97 -13.74
C HIS A 197 -22.84 -26.96 -13.81
N GLU A 198 -22.56 -26.30 -12.69
CA GLU A 198 -21.46 -25.36 -12.61
C GLU A 198 -20.71 -25.46 -11.29
N ALA A 199 -19.42 -25.14 -11.32
CA ALA A 199 -18.59 -25.18 -10.12
C ALA A 199 -17.51 -24.10 -10.18
N THR A 200 -17.05 -23.68 -9.01
CA THR A 200 -16.01 -22.65 -8.93
C THR A 200 -14.64 -23.26 -8.65
N LEU A 201 -13.69 -22.96 -9.53
CA LEU A 201 -12.30 -23.33 -9.31
C LEU A 201 -11.50 -22.12 -8.85
N ARG A 202 -10.93 -22.19 -7.65
CA ARG A 202 -10.17 -21.06 -7.12
C ARG A 202 -8.71 -21.44 -6.90
N CYS A 203 -7.82 -20.70 -7.56
CA CYS A 203 -6.39 -20.94 -7.43
C CYS A 203 -5.77 -20.00 -6.40
N TRP A 204 -5.21 -20.57 -5.35
CA TRP A 204 -4.66 -19.78 -4.24
C TRP A 204 -3.17 -19.57 -4.33
N ALA A 205 -2.71 -18.40 -3.90
CA ALA A 205 -1.29 -18.11 -3.73
C ALA A 205 -1.08 -17.45 -2.38
N LEU A 206 -0.35 -18.13 -1.50
CA LEU A 206 -0.21 -17.66 -0.12
C LEU A 206 1.25 -17.58 0.33
N GLY A 207 1.51 -16.65 1.26
CA GLY A 207 2.80 -16.54 1.91
C GLY A 207 3.96 -16.14 1.01
N PHE A 208 3.71 -15.29 0.03
CA PHE A 208 4.77 -14.90 -0.91
C PHE A 208 5.26 -13.47 -0.70
N TYR A 209 6.52 -13.26 -1.06
CA TYR A 209 7.15 -11.94 -1.01
C TYR A 209 8.20 -11.86 -2.12
N PRO A 210 8.24 -10.73 -2.85
CA PRO A 210 7.40 -9.53 -2.70
C PRO A 210 5.98 -9.71 -3.23
N ALA A 211 5.20 -8.63 -3.21
CA ALA A 211 3.78 -8.68 -3.57
C ALA A 211 3.54 -8.95 -5.04
N GLU A 212 4.52 -8.59 -5.89
CA GLU A 212 4.40 -8.79 -7.33
C GLU A 212 4.21 -10.26 -7.68
N ILE A 213 3.09 -10.57 -8.34
CA ILE A 213 2.77 -11.94 -8.70
C ILE A 213 1.76 -11.97 -9.84
N THR A 214 1.74 -13.06 -10.60
CA THR A 214 0.81 -13.20 -11.72
CA THR A 214 0.81 -13.20 -11.72
C THR A 214 -0.01 -14.49 -11.59
N LEU A 215 -1.34 -14.32 -11.48
CA LEU A 215 -2.25 -15.46 -11.39
C LEU A 215 -3.23 -15.45 -12.55
N THR A 216 -3.19 -16.49 -13.37
CA THR A 216 -4.07 -16.59 -14.53
C THR A 216 -4.70 -17.97 -14.64
N TRP A 217 -5.92 -18.01 -15.17
CA TRP A 217 -6.58 -19.26 -15.50
C TRP A 217 -6.59 -19.47 -17.01
N GLN A 218 -6.35 -20.70 -17.44
CA GLN A 218 -6.39 -21.04 -18.86
C GLN A 218 -7.38 -22.17 -19.13
N ARG A 219 -8.21 -21.99 -20.15
CA ARG A 219 -9.11 -23.03 -20.61
C ARG A 219 -8.63 -23.55 -21.95
N ASP A 220 -8.24 -24.83 -21.98
CA ASP A 220 -7.67 -25.46 -23.17
C ASP A 220 -6.46 -24.70 -23.69
N GLY A 221 -5.71 -24.08 -22.77
CA GLY A 221 -4.51 -23.35 -23.13
C GLY A 221 -4.75 -21.90 -23.49
N GLU A 222 -6.00 -21.46 -23.37
CA GLU A 222 -6.35 -20.08 -23.72
C GLU A 222 -6.69 -19.28 -22.47
N ASP A 223 -6.13 -18.07 -22.38
CA ASP A 223 -6.33 -17.21 -21.22
C ASP A 223 -7.80 -16.84 -21.03
N GLN A 224 -8.26 -16.93 -19.79
CA GLN A 224 -9.64 -16.61 -19.45
C GLN A 224 -9.71 -15.30 -18.67
N THR A 225 -9.08 -14.27 -19.22
CA THR A 225 -8.95 -12.97 -18.53
C THR A 225 -10.30 -12.37 -18.14
N GLN A 226 -11.23 -12.35 -19.09
CA GLN A 226 -12.53 -11.72 -18.87
C GLN A 226 -13.42 -12.52 -17.92
N ASP A 227 -13.26 -13.83 -17.93
CA ASP A 227 -14.10 -14.71 -17.11
C ASP A 227 -13.43 -15.12 -15.80
N THR A 228 -12.33 -14.43 -15.45
CA THR A 228 -11.62 -14.73 -14.21
C THR A 228 -11.86 -13.67 -13.16
N GLU A 229 -12.33 -14.10 -11.98
CA GLU A 229 -12.47 -13.20 -10.84
C GLU A 229 -11.15 -13.09 -10.10
N LEU A 230 -10.51 -11.93 -10.19
CA LEU A 230 -9.19 -11.72 -9.62
C LEU A 230 -9.22 -10.66 -8.52
N VAL A 231 -8.92 -11.06 -7.29
CA VAL A 231 -8.91 -10.13 -6.17
C VAL A 231 -7.55 -9.44 -6.03
N GLU A 232 -7.56 -8.25 -5.45
CA GLU A 232 -6.35 -7.49 -5.23
C GLU A 232 -5.40 -8.21 -4.28
N THR A 233 -4.11 -8.16 -4.57
CA THR A 233 -3.09 -8.73 -3.70
C THR A 233 -3.20 -8.09 -2.31
N ARG A 234 -3.27 -8.94 -1.29
CA ARG A 234 -3.53 -8.47 0.07
C ARG A 234 -2.45 -8.92 1.05
N PRO A 235 -2.13 -8.07 2.04
CA PRO A 235 -1.13 -8.40 3.06
C PRO A 235 -1.67 -9.39 4.10
N ALA A 236 -0.84 -10.35 4.49
CA ALA A 236 -1.25 -11.36 5.46
C ALA A 236 -1.04 -10.85 6.89
N GLY A 237 -0.08 -9.95 7.06
CA GLY A 237 0.25 -9.42 8.37
C GLY A 237 1.58 -9.93 8.87
N ASP A 238 2.19 -10.82 8.10
CA ASP A 238 3.50 -11.37 8.45
C ASP A 238 4.49 -11.12 7.31
N ARG A 239 4.46 -9.90 6.79
CA ARG A 239 5.28 -9.44 5.65
C ARG A 239 4.84 -10.04 4.32
N THR A 240 4.25 -11.23 4.37
CA THR A 240 3.86 -11.94 3.15
C THR A 240 2.55 -11.41 2.59
N PHE A 241 2.22 -11.85 1.38
CA PHE A 241 1.02 -11.40 0.69
C PHE A 241 0.16 -12.58 0.24
N GLN A 242 -1.09 -12.29 -0.11
CA GLN A 242 -2.02 -13.32 -0.56
C GLN A 242 -2.75 -12.88 -1.83
N LYS A 243 -3.21 -13.84 -2.61
CA LYS A 243 -3.98 -13.55 -3.81
C LYS A 243 -4.64 -14.83 -4.34
N TRP A 244 -5.82 -14.69 -4.93
CA TRP A 244 -6.44 -15.82 -5.60
C TRP A 244 -7.23 -15.40 -6.85
N ALA A 245 -7.37 -16.34 -7.77
CA ALA A 245 -8.15 -16.15 -8.99
C ALA A 245 -9.15 -17.28 -9.12
N ALA A 246 -10.38 -16.93 -9.51
CA ALA A 246 -11.45 -17.93 -9.60
C ALA A 246 -12.17 -17.89 -10.93
N VAL A 247 -12.61 -19.06 -11.39
CA VAL A 247 -13.34 -19.17 -12.65
CA VAL A 247 -13.34 -19.17 -12.65
CA VAL A 247 -13.34 -19.17 -12.65
CA VAL A 247 -13.34 -19.17 -12.65
C VAL A 247 -14.51 -20.15 -12.50
N VAL A 248 -15.65 -19.78 -13.06
CA VAL A 248 -16.83 -20.65 -13.02
C VAL A 248 -16.79 -21.63 -14.19
N VAL A 249 -16.73 -22.92 -13.88
CA VAL A 249 -16.57 -23.93 -14.92
C VAL A 249 -17.77 -24.88 -14.96
N PRO A 250 -18.09 -25.40 -16.17
CA PRO A 250 -19.12 -26.42 -16.31
C PRO A 250 -18.71 -27.72 -15.62
N SER A 251 -19.66 -28.38 -14.96
CA SER A 251 -19.37 -29.63 -14.26
C SER A 251 -18.88 -30.71 -15.21
N GLY A 252 -17.70 -31.26 -14.93
CA GLY A 252 -17.13 -32.31 -15.74
C GLY A 252 -16.01 -31.82 -16.64
N GLU A 253 -15.80 -30.52 -16.69
CA GLU A 253 -14.76 -29.93 -17.54
C GLU A 253 -13.63 -29.33 -16.73
N GLU A 254 -13.51 -29.74 -15.47
CA GLU A 254 -12.52 -29.17 -14.55
C GLU A 254 -11.08 -29.37 -15.02
N GLN A 255 -10.82 -30.51 -15.68
CA GLN A 255 -9.46 -30.83 -16.10
C GLN A 255 -9.04 -30.06 -17.34
N ARG A 256 -9.97 -29.32 -17.94
CA ARG A 256 -9.66 -28.49 -19.09
C ARG A 256 -9.10 -27.14 -18.64
N TYR A 257 -9.09 -26.92 -17.33
CA TYR A 257 -8.63 -25.65 -16.77
C TYR A 257 -7.31 -25.80 -16.03
N THR A 258 -6.40 -24.87 -16.26
CA THR A 258 -5.11 -24.87 -15.59
C THR A 258 -4.77 -23.50 -15.00
N CYS A 259 -4.25 -23.49 -13.79
CA CYS A 259 -3.85 -22.25 -13.14
C CYS A 259 -2.35 -22.02 -13.29
N HIS A 260 -1.97 -20.81 -13.70
CA HIS A 260 -0.57 -20.49 -13.91
C HIS A 260 -0.10 -19.43 -12.94
N VAL A 261 1.02 -19.71 -12.28
CA VAL A 261 1.57 -18.80 -11.27
C VAL A 261 2.99 -18.38 -11.60
N GLN A 262 3.22 -17.07 -11.64
CA GLN A 262 4.54 -16.52 -11.88
C GLN A 262 4.97 -15.63 -10.72
N HIS A 263 6.18 -15.87 -10.21
CA HIS A 263 6.69 -15.11 -9.07
C HIS A 263 8.22 -15.12 -9.06
N GLU A 264 8.81 -14.08 -8.48
CA GLU A 264 10.26 -13.94 -8.42
C GLU A 264 10.91 -15.10 -7.67
N GLY A 265 10.23 -15.60 -6.65
CA GLY A 265 10.73 -16.70 -5.85
C GLY A 265 10.64 -18.03 -6.56
N LEU A 266 9.92 -18.06 -7.68
CA LEU A 266 9.79 -19.27 -8.48
C LEU A 266 10.78 -19.27 -9.64
N PRO A 267 11.64 -20.29 -9.70
CA PRO A 267 12.60 -20.44 -10.80
C PRO A 267 11.89 -20.63 -12.14
N LYS A 268 10.80 -21.38 -12.12
CA LYS A 268 9.97 -21.60 -13.30
C LYS A 268 8.50 -21.45 -12.94
N PRO A 269 7.71 -20.87 -13.86
CA PRO A 269 6.27 -20.69 -13.65
C PRO A 269 5.54 -22.00 -13.34
N LEU A 270 4.62 -21.95 -12.40
CA LEU A 270 3.90 -23.15 -11.97
C LEU A 270 2.63 -23.36 -12.79
N THR A 271 2.23 -24.62 -12.92
CA THR A 271 0.98 -24.98 -13.57
C THR A 271 0.18 -25.92 -12.68
N LEU A 272 -1.01 -25.47 -12.27
CA LEU A 272 -1.81 -26.26 -11.34
C LEU A 272 -3.16 -26.66 -11.91
N ARG A 273 -3.68 -27.78 -11.43
CA ARG A 273 -5.04 -28.22 -11.73
C ARG A 273 -5.73 -28.60 -10.43
N TRP A 274 -7.05 -28.80 -10.50
CA TRP A 274 -7.80 -29.23 -9.33
C TRP A 274 -7.41 -30.65 -8.93
N GLU A 275 -7.14 -30.83 -7.64
CA GLU A 275 -6.70 -32.10 -7.03
C GLU A 275 -5.70 -32.88 -7.87
N MET B 1 -15.93 17.52 -5.72
CA MET B 1 -14.69 16.81 -5.44
C MET B 1 -14.85 15.30 -5.66
N ILE B 2 -13.96 14.74 -6.47
CA ILE B 2 -14.02 13.32 -6.80
C ILE B 2 -13.58 12.44 -5.63
N GLN B 3 -14.38 11.42 -5.33
CA GLN B 3 -14.07 10.50 -4.25
C GLN B 3 -14.05 9.05 -4.75
N ARG B 4 -13.36 8.19 -4.02
CA ARG B 4 -13.27 6.78 -4.39
C ARG B 4 -13.70 5.87 -3.25
N THR B 5 -14.59 4.94 -3.54
CA THR B 5 -15.12 4.03 -2.54
C THR B 5 -14.12 2.91 -2.23
N PRO B 6 -14.04 2.50 -0.95
CA PRO B 6 -13.05 1.50 -0.54
C PRO B 6 -13.38 0.07 -0.95
N LYS B 7 -12.35 -0.65 -1.39
CA LYS B 7 -12.46 -2.07 -1.66
CA LYS B 7 -12.46 -2.07 -1.66
C LYS B 7 -12.25 -2.83 -0.35
N ILE B 8 -13.12 -3.81 -0.08
CA ILE B 8 -13.06 -4.51 1.20
C ILE B 8 -12.80 -6.01 1.06
N GLN B 9 -11.79 -6.49 1.77
CA GLN B 9 -11.51 -7.92 1.86
C GLN B 9 -11.35 -8.35 3.31
N VAL B 10 -12.11 -9.35 3.72
CA VAL B 10 -11.96 -9.93 5.05
C VAL B 10 -11.45 -11.37 4.95
N TYR B 11 -10.39 -11.66 5.69
CA TYR B 11 -9.69 -12.94 5.54
C TYR B 11 -8.81 -13.25 6.74
N SER B 12 -8.16 -14.40 6.70
CA SER B 12 -7.27 -14.82 7.78
C SER B 12 -5.81 -14.86 7.31
N ARG B 13 -4.90 -14.61 8.24
CA ARG B 13 -3.46 -14.62 7.94
C ARG B 13 -3.02 -16.00 7.48
N HIS B 14 -3.48 -17.03 8.18
CA HIS B 14 -3.19 -18.41 7.82
C HIS B 14 -4.50 -19.12 7.46
N PRO B 15 -4.39 -20.25 6.72
CA PRO B 15 -5.58 -21.06 6.44
C PRO B 15 -6.34 -21.42 7.71
N ALA B 16 -7.65 -21.22 7.69
CA ALA B 16 -8.48 -21.39 8.88
C ALA B 16 -8.56 -22.85 9.34
N GLU B 17 -8.22 -23.06 10.60
CA GLU B 17 -8.37 -24.38 11.23
C GLU B 17 -9.09 -24.22 12.57
N ASN B 18 -10.22 -24.88 12.71
CA ASN B 18 -11.04 -24.77 13.91
C ASN B 18 -10.31 -25.22 15.17
N GLY B 19 -10.25 -24.33 16.15
CA GLY B 19 -9.59 -24.63 17.42
C GLY B 19 -8.20 -24.07 17.51
N LYS B 20 -7.67 -23.61 16.38
CA LYS B 20 -6.30 -23.08 16.33
C LYS B 20 -6.30 -21.56 16.25
N SER B 21 -5.34 -20.93 16.93
CA SER B 21 -5.23 -19.48 16.96
CA SER B 21 -5.22 -19.48 16.96
C SER B 21 -4.81 -18.94 15.59
N ASN B 22 -5.37 -17.78 15.23
CA ASN B 22 -5.09 -17.18 13.94
C ASN B 22 -5.19 -15.65 14.02
N PHE B 23 -5.17 -15.00 12.86
CA PHE B 23 -5.36 -13.56 12.79
C PHE B 23 -6.46 -13.21 11.81
N LEU B 24 -7.42 -12.42 12.25
CA LEU B 24 -8.50 -11.96 11.39
C LEU B 24 -8.13 -10.63 10.75
N ASN B 25 -8.13 -10.58 9.42
CA ASN B 25 -7.73 -9.37 8.70
C ASN B 25 -8.87 -8.71 7.94
N CYS B 26 -8.89 -7.39 7.96
CA CYS B 26 -9.77 -6.63 7.08
C CYS B 26 -8.94 -5.60 6.32
N TYR B 27 -8.79 -5.84 5.02
CA TYR B 27 -7.96 -4.98 4.18
C TYR B 27 -8.81 -4.03 3.35
N VAL B 28 -8.74 -2.75 3.70
CA VAL B 28 -9.46 -1.72 2.93
CA VAL B 28 -9.46 -1.72 2.94
C VAL B 28 -8.49 -0.96 2.04
N SER B 29 -8.89 -0.73 0.80
CA SER B 29 -8.01 -0.08 -0.16
C SER B 29 -8.77 0.62 -1.28
N GLY B 30 -8.05 1.39 -2.08
CA GLY B 30 -8.62 2.07 -3.22
C GLY B 30 -9.57 3.20 -2.87
N PHE B 31 -9.46 3.72 -1.66
CA PHE B 31 -10.38 4.77 -1.22
C PHE B 31 -9.74 6.14 -1.12
N HIS B 32 -10.58 7.16 -1.24
CA HIS B 32 -10.16 8.57 -1.14
C HIS B 32 -11.41 9.41 -0.83
N PRO B 33 -11.32 10.30 0.17
CA PRO B 33 -10.15 10.62 1.00
C PRO B 33 -9.81 9.54 2.05
N SER B 34 -8.84 9.85 2.90
CA SER B 34 -8.26 8.85 3.79
C SER B 34 -9.09 8.56 5.03
N ASP B 35 -10.04 9.44 5.35
CA ASP B 35 -10.91 9.24 6.51
CA ASP B 35 -10.91 9.25 6.50
C ASP B 35 -11.77 8.00 6.32
N ILE B 36 -11.61 7.04 7.23
CA ILE B 36 -12.35 5.79 7.15
C ILE B 36 -12.47 5.14 8.52
N GLU B 37 -13.56 4.42 8.75
CA GLU B 37 -13.77 3.71 10.01
C GLU B 37 -14.01 2.22 9.76
N VAL B 38 -13.24 1.38 10.43
CA VAL B 38 -13.32 -0.05 10.24
C VAL B 38 -13.50 -0.80 11.56
N ASP B 39 -14.51 -1.67 11.60
CA ASP B 39 -14.74 -2.50 12.78
C ASP B 39 -14.63 -3.99 12.43
N LEU B 40 -14.08 -4.76 13.35
CA LEU B 40 -14.07 -6.22 13.22
C LEU B 40 -15.13 -6.79 14.15
N LEU B 41 -16.02 -7.61 13.57
CA LEU B 41 -17.18 -8.10 14.33
C LEU B 41 -17.07 -9.59 14.64
N LYS B 42 -17.46 -9.94 15.86
CA LYS B 42 -17.60 -11.34 16.26
C LYS B 42 -19.03 -11.59 16.71
N ASN B 43 -19.76 -12.34 15.89
CA ASN B 43 -21.17 -12.63 16.13
C ASN B 43 -22.00 -11.35 16.25
N GLY B 44 -21.62 -10.34 15.47
CA GLY B 44 -22.37 -9.10 15.41
C GLY B 44 -21.82 -8.00 16.31
N GLU B 45 -21.01 -8.38 17.28
CA GLU B 45 -20.46 -7.42 18.25
C GLU B 45 -19.03 -7.02 17.88
N ARG B 46 -18.68 -5.77 18.18
CA ARG B 46 -17.37 -5.26 17.83
C ARG B 46 -16.27 -5.84 18.71
N ILE B 47 -15.17 -6.25 18.07
CA ILE B 47 -13.99 -6.72 18.79
C ILE B 47 -13.16 -5.54 19.27
N GLU B 48 -12.79 -5.55 20.55
CA GLU B 48 -12.06 -4.44 21.13
C GLU B 48 -10.56 -4.52 20.87
N LYS B 49 -9.91 -3.35 20.88
CA LYS B 49 -8.47 -3.23 20.72
C LYS B 49 -7.96 -3.86 19.42
N VAL B 50 -8.56 -3.47 18.31
CA VAL B 50 -8.10 -3.91 16.99
C VAL B 50 -7.00 -2.99 16.48
N GLU B 51 -5.87 -3.58 16.09
CA GLU B 51 -4.75 -2.80 15.59
C GLU B 51 -4.85 -2.59 14.08
N HIS B 52 -4.21 -1.53 13.60
CA HIS B 52 -4.19 -1.27 12.16
C HIS B 52 -2.83 -0.76 11.71
N SER B 53 -2.53 -0.97 10.43
CA SER B 53 -1.26 -0.53 9.86
C SER B 53 -1.21 0.99 9.73
N ASP B 54 -0.03 1.51 9.44
CA ASP B 54 0.15 2.94 9.22
C ASP B 54 -0.42 3.33 7.87
N LEU B 55 -1.06 4.50 7.81
CA LEU B 55 -1.71 4.96 6.59
C LEU B 55 -0.71 5.16 5.46
N SER B 56 -0.91 4.42 4.37
CA SER B 56 -0.08 4.55 3.18
C SER B 56 -0.98 4.55 1.95
N PHE B 57 -0.38 4.67 0.77
CA PHE B 57 -1.17 4.68 -0.46
C PHE B 57 -0.41 4.08 -1.63
N SER B 58 -1.15 3.71 -2.67
CA SER B 58 -0.58 3.07 -3.86
C SER B 58 -0.12 4.09 -4.88
N LYS B 59 0.26 3.62 -6.07
CA LYS B 59 0.75 4.49 -7.12
C LYS B 59 -0.36 5.37 -7.70
N ASP B 60 -1.60 4.91 -7.58
CA ASP B 60 -2.75 5.68 -8.06
C ASP B 60 -3.27 6.60 -6.97
N TRP B 61 -2.43 6.83 -5.96
CA TRP B 61 -2.71 7.75 -4.85
C TRP B 61 -3.84 7.29 -3.93
N SER B 62 -4.38 6.11 -4.19
CA SER B 62 -5.45 5.56 -3.36
C SER B 62 -4.90 4.96 -2.07
N PHE B 63 -5.52 5.29 -0.95
CA PHE B 63 -5.05 4.84 0.36
C PHE B 63 -5.38 3.37 0.62
N TYR B 64 -4.64 2.75 1.54
CA TYR B 64 -4.96 1.39 1.98
C TYR B 64 -4.58 1.18 3.43
N LEU B 65 -5.37 0.38 4.13
CA LEU B 65 -5.16 0.09 5.54
C LEU B 65 -5.44 -1.37 5.86
N LEU B 66 -4.70 -1.93 6.80
CA LEU B 66 -4.93 -3.31 7.24
C LEU B 66 -5.31 -3.34 8.72
N TYR B 67 -6.55 -3.75 9.00
CA TYR B 67 -6.99 -3.94 10.37
C TYR B 67 -6.89 -5.42 10.75
N TYR B 68 -6.37 -5.70 11.93
CA TYR B 68 -6.14 -7.09 12.33
C TYR B 68 -6.29 -7.32 13.83
N THR B 69 -6.63 -8.55 14.19
CA THR B 69 -6.74 -8.96 15.58
C THR B 69 -6.60 -10.48 15.70
N GLU B 70 -6.23 -10.95 16.87
CA GLU B 70 -6.09 -12.39 17.12
CA GLU B 70 -6.09 -12.39 17.12
C GLU B 70 -7.46 -13.03 17.34
N PHE B 71 -7.67 -14.19 16.72
CA PHE B 71 -8.95 -14.88 16.87
C PHE B 71 -8.79 -16.38 16.65
N THR B 72 -9.66 -17.15 17.27
CA THR B 72 -9.67 -18.60 17.11
C THR B 72 -10.97 -19.03 16.44
N PRO B 73 -10.91 -19.32 15.13
CA PRO B 73 -12.08 -19.69 14.33
C PRO B 73 -12.70 -21.00 14.79
N THR B 74 -14.02 -21.03 14.89
CA THR B 74 -14.75 -22.25 15.20
C THR B 74 -15.82 -22.50 14.15
N GLU B 75 -16.70 -23.45 14.43
CA GLU B 75 -17.74 -23.83 13.47
C GLU B 75 -18.95 -22.90 13.50
N LYS B 76 -19.30 -22.41 14.69
CA LYS B 76 -20.49 -21.60 14.86
CA LYS B 76 -20.49 -21.60 14.86
C LYS B 76 -20.19 -20.10 14.86
N ASP B 77 -19.03 -19.73 15.38
CA ASP B 77 -18.64 -18.32 15.48
C ASP B 77 -18.58 -17.64 14.11
N GLU B 78 -19.31 -16.53 13.98
CA GLU B 78 -19.33 -15.77 12.75
C GLU B 78 -18.49 -14.50 12.87
N TYR B 79 -17.70 -14.21 11.85
CA TYR B 79 -16.86 -13.02 11.84
C TYR B 79 -17.13 -12.17 10.61
N ALA B 80 -16.98 -10.86 10.75
CA ALA B 80 -17.25 -9.94 9.67
C ALA B 80 -16.49 -8.62 9.83
N CYS B 81 -16.53 -7.80 8.79
CA CYS B 81 -15.87 -6.50 8.80
C CYS B 81 -16.87 -5.39 8.44
N ARG B 82 -16.94 -4.36 9.27
CA ARG B 82 -17.85 -3.25 9.04
C ARG B 82 -17.08 -1.97 8.71
N VAL B 83 -17.35 -1.42 7.54
CA VAL B 83 -16.61 -0.26 7.04
C VAL B 83 -17.52 0.91 6.72
N ASN B 84 -17.14 2.10 7.20
CA ASN B 84 -17.86 3.31 6.87
C ASN B 84 -16.96 4.34 6.19
N HIS B 85 -17.49 4.99 5.15
CA HIS B 85 -16.73 5.97 4.37
C HIS B 85 -17.69 7.02 3.85
N VAL B 86 -17.16 8.18 3.45
CA VAL B 86 -17.99 9.27 2.96
CA VAL B 86 -18.00 9.27 2.95
C VAL B 86 -18.74 8.85 1.68
N THR B 87 -18.19 7.88 0.96
CA THR B 87 -18.82 7.37 -0.25
C THR B 87 -19.95 6.40 0.07
N LEU B 88 -20.05 6.03 1.35
CA LEU B 88 -21.06 5.08 1.78
C LEU B 88 -22.14 5.75 2.61
N SER B 89 -23.40 5.63 2.18
CA SER B 89 -24.52 6.20 2.91
C SER B 89 -24.79 5.39 4.16
N GLN B 90 -24.47 4.10 4.11
CA GLN B 90 -24.65 3.20 5.24
C GLN B 90 -23.42 2.31 5.39
N PRO B 91 -23.09 1.90 6.62
CA PRO B 91 -21.94 1.03 6.87
C PRO B 91 -22.04 -0.29 6.10
N LYS B 92 -20.98 -0.63 5.37
CA LYS B 92 -20.96 -1.86 4.59
C LYS B 92 -20.38 -3.00 5.41
N ILE B 93 -21.09 -4.12 5.45
CA ILE B 93 -20.65 -5.28 6.21
C ILE B 93 -20.28 -6.44 5.30
N VAL B 94 -19.05 -6.93 5.43
CA VAL B 94 -18.58 -8.08 4.65
C VAL B 94 -18.27 -9.23 5.58
N LYS B 95 -18.95 -10.36 5.37
CA LYS B 95 -18.78 -11.54 6.22
C LYS B 95 -17.53 -12.32 5.84
N TRP B 96 -16.86 -12.89 6.84
CA TRP B 96 -15.65 -13.65 6.61
C TRP B 96 -15.95 -15.04 6.07
N ASP B 97 -15.45 -15.32 4.86
CA ASP B 97 -15.57 -16.64 4.27
C ASP B 97 -14.21 -17.31 4.23
N ARG B 98 -14.16 -18.55 4.71
CA ARG B 98 -12.89 -19.26 4.87
C ARG B 98 -12.16 -19.52 3.56
N ASP B 99 -12.90 -19.54 2.45
CA ASP B 99 -12.30 -19.80 1.15
C ASP B 99 -12.34 -18.57 0.26
N MET B 100 -12.24 -17.39 0.87
CA MET B 100 -12.20 -16.15 0.11
C MET B 100 -11.21 -15.17 0.72
N ARG C 1 17.30 7.50 4.41
CA ARG C 1 16.70 8.62 5.13
CA ARG C 1 16.72 8.63 5.13
C ARG C 1 16.03 9.60 4.17
N PRO C 2 14.97 10.28 4.64
CA PRO C 2 14.21 11.20 3.78
C PRO C 2 14.99 12.44 3.37
N MET C 3 14.46 13.15 2.38
CA MET C 3 15.08 14.39 1.90
CA MET C 3 15.08 14.39 1.90
C MET C 3 14.52 15.60 2.64
N THR C 4 15.39 16.55 2.96
CA THR C 4 14.97 17.79 3.62
C THR C 4 15.07 18.97 2.66
N TYR C 5 14.73 20.15 3.16
CA TYR C 5 14.84 21.40 2.39
C TYR C 5 14.00 21.39 1.11
N LYS C 6 12.87 20.70 1.15
CA LYS C 6 11.97 20.66 -0.01
C LYS C 6 11.07 21.89 0.00
N GLY C 7 11.05 22.60 -1.13
CA GLY C 7 10.28 23.83 -1.24
C GLY C 7 8.78 23.61 -1.23
N ALA C 8 8.03 24.64 -0.83
CA ALA C 8 6.58 24.57 -0.79
C ALA C 8 6.00 24.66 -2.19
N LEU C 9 4.84 24.05 -2.39
CA LEU C 9 4.16 24.08 -3.69
C LEU C 9 3.59 25.46 -3.97
#